data_2HW2
#
_entry.id   2HW2
#
_cell.length_a   55.663
_cell.length_b   61.041
_cell.length_c   45.567
_cell.angle_alpha   90.00
_cell.angle_beta   91.81
_cell.angle_gamma   90.00
#
_symmetry.space_group_name_H-M   'C 1 2 1'
#
loop_
_entity.id
_entity.type
_entity.pdbx_description
1 polymer 'Rifampin ADP-ribosyl transferase'
2 non-polymer GLYCINE
3 non-polymer RIFAMPICIN
4 water water
#
_entity_poly.entity_id   1
_entity_poly.type   'polypeptide(L)'
_entity_poly.pdbx_seq_one_letter_code
;MVANPPKPFEVHESGAYLHGTKAELKVGDRLVPGRESNFEAGRIMNHIYITQTLDAAVWGAELAAGEGRGRIFIVEPEGA
IEDDPNVTDKKLPGNPTRSYRTREPVWIVGELTDWVGHPPEQLAAMRQGLEELRRKGLAVIYD
;
_entity_poly.pdbx_strand_id   A
#
loop_
_chem_comp.id
_chem_comp.type
_chem_comp.name
_chem_comp.formula
RFP non-polymer RIFAMPICIN 'C43 H58 N4 O12'
#
# COMPACT_ATOMS: atom_id res chain seq x y z
N PRO A 6 10.06 -4.46 -9.81
CA PRO A 6 9.86 -2.99 -9.90
C PRO A 6 11.06 -2.15 -9.39
N LYS A 7 11.12 -0.89 -9.85
CA LYS A 7 12.15 0.09 -9.43
C LYS A 7 11.65 1.14 -8.42
N PRO A 8 12.32 1.30 -7.26
CA PRO A 8 11.81 2.26 -6.28
C PRO A 8 11.73 3.64 -6.89
N PHE A 9 10.64 4.36 -6.59
CA PHE A 9 10.52 5.79 -6.92
C PHE A 9 10.15 5.98 -8.39
N GLU A 10 10.00 4.90 -9.15
CA GLU A 10 9.61 5.04 -10.56
C GLU A 10 8.10 5.15 -10.69
N VAL A 11 7.63 6.24 -11.29
CA VAL A 11 6.19 6.47 -11.43
C VAL A 11 5.66 5.57 -12.51
N HIS A 12 4.49 5.00 -12.24
CA HIS A 12 3.89 4.04 -13.15
C HIS A 12 3.50 4.75 -14.46
N GLU A 13 3.64 4.05 -15.58
CA GLU A 13 3.40 4.65 -16.91
C GLU A 13 2.08 5.41 -16.92
N SER A 14 1.07 4.81 -16.31
CA SER A 14 -0.33 5.29 -16.33
C SER A 14 -0.65 6.58 -15.54
N GLY A 15 0.19 6.91 -14.55
CA GLY A 15 -0.15 7.97 -13.59
C GLY A 15 -1.30 7.59 -12.67
N ALA A 16 -1.80 6.39 -12.85
CA ALA A 16 -2.95 5.92 -12.06
C ALA A 16 -2.59 5.63 -10.62
N TYR A 17 -3.59 5.72 -9.78
CA TYR A 17 -3.41 5.28 -8.36
C TYR A 17 -3.58 3.78 -8.24
N LEU A 18 -2.66 3.17 -7.50
CA LEU A 18 -2.62 1.71 -7.29
C LEU A 18 -2.83 1.39 -5.83
N HIS A 19 -3.42 0.23 -5.58
CA HIS A 19 -3.67 -0.22 -4.21
C HIS A 19 -3.28 -1.71 -4.16
N GLY A 20 -2.26 -2.05 -3.36
CA GLY A 20 -1.89 -3.44 -3.22
C GLY A 20 -2.50 -4.01 -1.95
N THR A 21 -2.99 -5.25 -2.05
CA THR A 21 -3.75 -5.85 -0.96
C THR A 21 -3.86 -7.36 -1.19
N LYS A 22 -4.27 -8.13 -0.17
CA LYS A 22 -4.63 -9.49 -0.40
C LYS A 22 -6.16 -9.65 -0.36
N ALA A 23 -6.93 -8.57 -0.16
CA ALA A 23 -8.37 -8.65 -0.26
C ALA A 23 -8.80 -9.03 -1.65
N GLU A 24 -9.88 -9.81 -1.69
CA GLU A 24 -10.42 -10.27 -2.93
C GLU A 24 -11.34 -9.29 -3.73
N LEU A 25 -10.83 -8.16 -4.17
CA LEU A 25 -11.66 -7.10 -4.76
C LEU A 25 -11.85 -7.37 -6.22
N LYS A 26 -12.87 -6.73 -6.76
CA LYS A 26 -13.21 -6.87 -8.21
C LYS A 26 -13.48 -5.48 -8.76
N VAL A 27 -13.25 -5.34 -10.07
CA VAL A 27 -13.60 -4.09 -10.74
C VAL A 27 -15.09 -3.75 -10.56
N GLY A 28 -15.33 -2.54 -10.08
CA GLY A 28 -16.65 -2.09 -9.78
C GLY A 28 -16.90 -2.00 -8.29
N ASP A 29 -16.07 -2.63 -7.45
CA ASP A 29 -16.20 -2.52 -5.99
C ASP A 29 -15.98 -1.05 -5.59
N ARG A 30 -16.67 -0.64 -4.52
CA ARG A 30 -16.36 0.62 -3.82
C ARG A 30 -15.90 0.20 -2.44
N LEU A 31 -14.73 0.73 -2.05
CA LEU A 31 -14.07 0.38 -0.77
C LEU A 31 -14.05 1.58 0.14
N VAL A 32 -14.62 1.42 1.36
CA VAL A 32 -14.62 2.50 2.31
C VAL A 32 -13.51 2.27 3.36
N PRO A 33 -13.01 3.35 4.01
CA PRO A 33 -12.01 3.16 5.09
C PRO A 33 -12.63 2.44 6.29
N GLY A 34 -11.75 1.92 7.12
CA GLY A 34 -12.16 1.34 8.41
C GLY A 34 -11.88 -0.12 8.55
N ARG A 35 -11.12 -0.69 7.60
CA ARG A 35 -10.68 -2.05 7.76
C ARG A 35 -9.50 -2.15 8.70
N GLU A 36 -9.08 -3.36 9.03
CA GLU A 36 -7.97 -3.55 9.98
C GLU A 36 -6.60 -3.25 9.33
N SER A 37 -5.71 -2.65 10.12
CA SER A 37 -4.35 -2.46 9.73
C SER A 37 -3.68 -3.69 9.25
N ASN A 38 -2.82 -3.56 8.24
CA ASN A 38 -1.90 -4.66 7.85
C ASN A 38 -0.66 -4.77 8.69
N PHE A 39 -0.44 -3.77 9.59
CA PHE A 39 0.86 -3.69 10.29
C PHE A 39 0.73 -3.66 11.80
N GLU A 40 -0.46 -3.37 12.32
CA GLU A 40 -0.66 -3.38 13.78
C GLU A 40 -1.99 -4.07 14.04
N ALA A 41 -1.94 -5.32 14.50
CA ALA A 41 -3.16 -6.09 14.64
C ALA A 41 -4.16 -5.35 15.54
N GLY A 42 -5.43 -5.35 15.12
CA GLY A 42 -6.50 -4.74 15.90
C GLY A 42 -6.74 -3.29 15.59
N ARG A 43 -5.81 -2.62 14.92
CA ARG A 43 -6.00 -1.20 14.66
C ARG A 43 -7.03 -0.95 13.57
N ILE A 44 -8.08 -0.22 13.84
CA ILE A 44 -9.06 0.19 12.81
C ILE A 44 -8.56 1.44 12.10
N MET A 45 -8.45 1.32 10.78
CA MET A 45 -7.84 2.38 9.96
C MET A 45 -8.78 3.50 9.58
N ASN A 46 -8.24 4.72 9.61
CA ASN A 46 -9.00 5.88 9.19
C ASN A 46 -8.87 6.16 7.73
N HIS A 47 -7.85 5.60 7.08
CA HIS A 47 -7.58 5.92 5.66
C HIS A 47 -7.44 4.67 4.80
N ILE A 48 -7.59 4.89 3.49
CA ILE A 48 -7.14 3.95 2.45
C ILE A 48 -5.83 4.44 1.89
N TYR A 49 -4.90 3.48 1.67
CA TYR A 49 -3.53 3.83 1.27
C TYR A 49 -3.38 3.44 -0.19
N ILE A 50 -2.87 4.38 -0.99
CA ILE A 50 -2.71 4.19 -2.44
C ILE A 50 -1.37 4.77 -2.87
N THR A 51 -0.92 4.47 -4.09
CA THR A 51 0.41 4.96 -4.49
C THR A 51 0.45 5.13 -6.01
N GLN A 52 1.36 5.97 -6.48
CA GLN A 52 1.63 6.03 -7.92
C GLN A 52 2.91 5.36 -8.35
N THR A 53 3.59 4.66 -7.45
CA THR A 53 4.72 3.81 -7.91
C THR A 53 4.38 2.36 -7.83
N LEU A 54 4.79 1.62 -8.86
CA LEU A 54 4.50 0.16 -8.83
C LEU A 54 5.25 -0.48 -7.68
N ASP A 55 6.51 -0.04 -7.40
CA ASP A 55 7.28 -0.66 -6.35
C ASP A 55 6.49 -0.59 -5.02
N ALA A 56 5.93 0.58 -4.67
CA ALA A 56 5.21 0.69 -3.40
C ALA A 56 3.95 -0.18 -3.45
N ALA A 57 3.29 -0.30 -4.60
CA ALA A 57 2.07 -1.15 -4.68
C ALA A 57 2.42 -2.61 -4.49
N VAL A 58 3.56 -3.05 -5.09
CA VAL A 58 3.97 -4.43 -4.91
C VAL A 58 4.28 -4.68 -3.43
N TRP A 59 5.00 -3.77 -2.75
CA TRP A 59 5.16 -3.97 -1.31
C TRP A 59 3.83 -4.01 -0.63
N GLY A 60 2.84 -3.19 -1.06
CA GLY A 60 1.52 -3.26 -0.35
C GLY A 60 0.88 -4.63 -0.51
N ALA A 61 0.95 -5.21 -1.72
CA ALA A 61 0.37 -6.54 -1.97
C ALA A 61 1.12 -7.60 -1.16
N GLU A 62 2.44 -7.52 -1.13
CA GLU A 62 3.22 -8.57 -0.45
C GLU A 62 3.08 -8.50 1.08
N LEU A 63 3.06 -7.27 1.62
CA LEU A 63 3.07 -7.13 3.07
C LEU A 63 1.66 -7.14 3.66
N ALA A 64 0.62 -7.09 2.84
CA ALA A 64 -0.75 -7.13 3.35
C ALA A 64 -0.96 -8.39 4.12
N ALA A 65 -1.80 -8.29 5.13
CA ALA A 65 -2.16 -9.47 5.89
C ALA A 65 -3.17 -10.26 5.06
N GLY A 66 -3.15 -11.55 5.25
CA GLY A 66 -4.15 -12.38 4.57
C GLY A 66 -3.48 -13.63 4.05
N GLU A 67 -4.33 -14.62 3.81
CA GLU A 67 -3.92 -15.81 3.08
C GLU A 67 -4.17 -15.52 1.61
N GLY A 68 -3.48 -16.20 0.73
CA GLY A 68 -3.77 -15.97 -0.67
C GLY A 68 -2.88 -14.88 -1.21
N ARG A 69 -2.76 -14.82 -2.53
CA ARG A 69 -1.71 -14.00 -3.05
C ARG A 69 -2.10 -12.54 -3.16
N GLY A 70 -1.03 -11.80 -3.30
CA GLY A 70 -1.16 -10.36 -3.43
C GLY A 70 -1.86 -9.98 -4.73
N ARG A 71 -2.54 -8.85 -4.69
CA ARG A 71 -3.28 -8.28 -5.81
CA ARG A 71 -3.17 -8.29 -5.89
C ARG A 71 -2.91 -6.79 -5.87
N ILE A 72 -2.86 -6.22 -7.08
CA ILE A 72 -2.69 -4.76 -7.24
C ILE A 72 -3.86 -4.25 -8.07
N PHE A 73 -4.62 -3.30 -7.48
CA PHE A 73 -5.79 -2.73 -8.16
C PHE A 73 -5.50 -1.30 -8.59
N ILE A 74 -6.09 -0.87 -9.69
N ILE A 74 -6.11 -0.91 -9.70
CA ILE A 74 -6.02 0.52 -10.03
CA ILE A 74 -6.17 0.47 -10.12
C ILE A 74 -7.32 1.11 -9.54
C ILE A 74 -7.39 1.05 -9.44
N VAL A 75 -7.21 2.20 -8.80
CA VAL A 75 -8.35 2.75 -8.05
C VAL A 75 -8.54 4.22 -8.31
N GLU A 76 -9.78 4.67 -8.10
CA GLU A 76 -10.12 6.11 -8.32
C GLU A 76 -10.71 6.66 -6.99
N PRO A 77 -9.98 7.57 -6.33
CA PRO A 77 -10.48 8.15 -5.05
C PRO A 77 -11.69 9.02 -5.29
N GLU A 78 -12.70 8.95 -4.40
CA GLU A 78 -13.82 9.96 -4.38
C GLU A 78 -13.43 11.29 -3.79
N GLY A 79 -12.42 11.30 -2.96
CA GLY A 79 -12.09 12.55 -2.24
C GLY A 79 -10.63 12.90 -2.22
N ALA A 80 -10.31 13.82 -1.32
CA ALA A 80 -8.98 14.36 -1.24
C ALA A 80 -7.97 13.30 -0.86
N ILE A 81 -6.77 13.46 -1.39
CA ILE A 81 -5.67 12.62 -0.98
CA ILE A 81 -5.64 12.63 -1.13
C ILE A 81 -4.53 13.48 -0.45
N GLU A 82 -3.73 12.85 0.42
CA GLU A 82 -2.63 13.56 1.06
C GLU A 82 -1.43 12.65 1.15
N ASP A 83 -0.23 13.21 1.33
CA ASP A 83 0.93 12.37 1.48
C ASP A 83 0.75 11.38 2.60
N ASP A 84 1.25 10.14 2.42
CA ASP A 84 1.28 9.19 3.52
C ASP A 84 2.46 9.52 4.44
N PRO A 85 2.19 9.92 5.68
CA PRO A 85 3.30 10.37 6.56
C PRO A 85 4.22 9.25 6.93
N ASN A 86 3.79 7.99 6.80
CA ASN A 86 4.73 6.89 7.18
C ASN A 86 5.97 6.84 6.28
N VAL A 87 5.85 7.43 5.08
CA VAL A 87 6.97 7.33 4.14
C VAL A 87 7.32 8.71 3.52
N THR A 88 6.89 9.77 4.18
CA THR A 88 7.14 11.13 3.67
C THR A 88 7.95 11.87 4.72
N ASP A 89 9.12 12.40 4.29
CA ASP A 89 10.03 13.09 5.19
C ASP A 89 10.43 12.16 6.35
N LYS A 90 10.59 10.86 6.06
CA LYS A 90 11.02 9.89 7.10
C LYS A 90 12.43 9.48 6.71
N LYS A 91 12.57 8.36 6.00
CA LYS A 91 13.92 7.95 5.60
C LYS A 91 14.50 8.88 4.53
N LEU A 92 13.64 9.48 3.73
CA LEU A 92 14.08 10.38 2.66
C LEU A 92 13.28 11.67 2.62
N PRO A 93 13.87 12.74 2.05
CA PRO A 93 13.05 13.95 1.94
C PRO A 93 11.90 13.76 0.96
N GLY A 94 10.78 14.44 1.22
CA GLY A 94 9.58 14.37 0.37
C GLY A 94 8.93 13.02 0.40
N ASN A 95 8.25 12.74 -0.71
CA ASN A 95 7.44 11.52 -0.84
C ASN A 95 7.87 10.85 -2.15
N PRO A 96 9.11 10.31 -2.17
CA PRO A 96 9.64 9.76 -3.45
C PRO A 96 8.90 8.48 -3.84
N THR A 97 8.25 7.74 -2.92
CA THR A 97 7.49 6.53 -3.34
C THR A 97 6.10 6.91 -3.87
N ARG A 98 5.74 8.20 -3.81
CA ARG A 98 4.45 8.70 -4.27
C ARG A 98 3.33 7.89 -3.60
N SER A 99 3.41 7.82 -2.26
CA SER A 99 2.45 7.12 -1.46
C SER A 99 1.50 8.10 -0.82
N TYR A 100 0.21 7.84 -0.90
CA TYR A 100 -0.82 8.78 -0.41
C TYR A 100 -1.86 8.05 0.45
N ARG A 101 -2.71 8.85 1.08
CA ARG A 101 -3.79 8.24 1.84
C ARG A 101 -5.02 9.12 1.72
N THR A 102 -6.18 8.53 1.90
CA THR A 102 -7.44 9.25 1.77
C THR A 102 -8.43 8.82 2.86
N ARG A 103 -9.25 9.78 3.31
CA ARG A 103 -10.24 9.48 4.33
C ARG A 103 -11.58 9.07 3.69
N GLU A 104 -11.70 9.23 2.36
CA GLU A 104 -12.94 8.88 1.69
CA GLU A 104 -12.92 8.92 1.66
C GLU A 104 -12.78 7.61 0.86
N PRO A 105 -13.90 7.03 0.43
CA PRO A 105 -13.85 5.76 -0.34
C PRO A 105 -13.14 5.86 -1.69
N VAL A 106 -12.74 4.69 -2.21
CA VAL A 106 -12.18 4.61 -3.52
C VAL A 106 -12.94 3.54 -4.31
N TRP A 107 -12.88 3.69 -5.64
CA TRP A 107 -13.50 2.72 -6.56
C TRP A 107 -12.43 1.86 -7.18
N ILE A 108 -12.74 0.56 -7.36
CA ILE A 108 -11.79 -0.30 -8.07
C ILE A 108 -12.12 -0.26 -9.54
N VAL A 109 -11.19 0.20 -10.34
CA VAL A 109 -11.49 0.40 -11.77
C VAL A 109 -10.69 -0.50 -12.68
N GLY A 110 -9.72 -1.23 -12.12
CA GLY A 110 -8.91 -2.17 -12.92
C GLY A 110 -8.05 -3.03 -12.00
N GLU A 111 -7.52 -4.12 -12.53
CA GLU A 111 -6.56 -4.95 -11.79
C GLU A 111 -5.31 -5.08 -12.63
N LEU A 112 -4.14 -4.84 -12.00
CA LEU A 112 -2.86 -4.97 -12.70
C LEU A 112 -2.44 -6.37 -12.52
N THR A 113 -2.24 -6.97 -13.70
CA THR A 113 -1.91 -8.34 -13.89
C THR A 113 -0.41 -8.51 -14.18
N ASP A 114 0.26 -7.51 -14.77
CA ASP A 114 1.68 -7.72 -15.21
C ASP A 114 2.72 -7.09 -14.28
N TRP A 115 2.84 -7.74 -13.13
CA TRP A 115 3.88 -7.34 -12.21
C TRP A 115 4.48 -8.60 -11.64
N VAL A 116 5.71 -8.48 -11.16
CA VAL A 116 6.32 -9.56 -10.45
C VAL A 116 6.73 -8.99 -9.12
N GLY A 117 6.79 -9.88 -8.17
CA GLY A 117 7.19 -9.52 -6.84
C GLY A 117 8.68 -9.19 -6.69
N HIS A 118 9.02 -8.68 -5.52
CA HIS A 118 10.40 -8.56 -5.12
C HIS A 118 11.01 -9.93 -5.00
N PRO A 119 12.34 -10.03 -5.25
CA PRO A 119 12.94 -11.38 -5.08
C PRO A 119 12.79 -11.85 -3.63
N PRO A 120 12.72 -13.18 -3.44
CA PRO A 120 12.36 -13.65 -2.10
C PRO A 120 13.24 -13.18 -0.95
N GLU A 121 14.55 -13.05 -1.16
CA GLU A 121 15.37 -12.62 -0.05
C GLU A 121 15.10 -11.16 0.29
N GLN A 122 14.70 -10.33 -0.66
CA GLN A 122 14.39 -8.91 -0.37
CA GLN A 122 14.40 -8.92 -0.35
C GLN A 122 13.07 -8.82 0.40
N LEU A 123 12.07 -9.63 0.02
CA LEU A 123 10.81 -9.64 0.77
C LEU A 123 11.08 -10.18 2.18
N ALA A 124 11.92 -11.23 2.31
CA ALA A 124 12.22 -11.79 3.66
C ALA A 124 12.93 -10.77 4.52
N ALA A 125 13.81 -9.96 3.90
CA ALA A 125 14.57 -8.97 4.69
C ALA A 125 13.60 -7.89 5.22
N MET A 126 12.67 -7.50 4.38
CA MET A 126 11.71 -6.47 4.80
C MET A 126 10.86 -7.03 5.90
N ARG A 127 10.31 -8.23 5.73
CA ARG A 127 9.47 -8.86 6.79
C ARG A 127 10.20 -9.00 8.11
N GLN A 128 11.40 -9.54 8.08
CA GLN A 128 12.25 -9.67 9.25
C GLN A 128 12.52 -8.26 9.91
N GLY A 129 12.83 -7.23 9.11
CA GLY A 129 13.05 -5.86 9.57
C GLY A 129 11.83 -5.31 10.27
N LEU A 130 10.67 -5.61 9.75
CA LEU A 130 9.46 -5.12 10.44
C LEU A 130 9.20 -5.84 11.74
N GLU A 131 9.39 -7.16 11.78
CA GLU A 131 9.22 -7.88 13.07
C GLU A 131 10.21 -7.32 14.09
N GLU A 132 11.42 -7.00 13.64
CA GLU A 132 12.43 -6.47 14.52
C GLU A 132 11.99 -5.11 15.10
N LEU A 133 11.49 -4.23 14.23
CA LEU A 133 11.05 -2.90 14.70
C LEU A 133 9.98 -3.13 15.71
N ARG A 134 9.07 -4.08 15.48
CA ARG A 134 8.05 -4.39 16.49
C ARG A 134 8.61 -4.86 17.80
N ARG A 135 9.62 -5.72 17.74
CA ARG A 135 10.10 -6.37 18.92
C ARG A 135 10.78 -5.28 19.75
N LYS A 136 11.34 -4.30 19.06
CA LYS A 136 11.97 -3.16 19.72
C LYS A 136 10.98 -2.02 20.05
N GLY A 137 9.69 -2.17 19.74
CA GLY A 137 8.72 -1.07 19.94
C GLY A 137 9.02 0.21 19.16
N LEU A 138 9.52 0.08 17.94
CA LEU A 138 9.83 1.23 17.05
C LEU A 138 8.88 1.28 15.79
N ALA A 139 7.92 0.39 15.73
CA ALA A 139 7.08 0.30 14.51
C ALA A 139 5.86 1.23 14.61
N VAL A 140 6.11 2.56 14.74
CA VAL A 140 5.01 3.46 14.99
C VAL A 140 4.17 3.54 13.72
N ILE A 141 2.84 3.33 13.79
CA ILE A 141 1.93 3.44 12.64
C ILE A 141 1.20 4.79 12.70
N TYR A 142 1.43 5.64 11.69
CA TYR A 142 0.68 6.86 11.58
C TYR A 142 -0.56 6.62 10.76
N ASP A 143 -1.69 6.94 11.33
CA ASP A 143 -2.96 6.79 10.65
C ASP A 143 -4.05 7.60 11.37
N GLY B . 2.48 2.99 3.60
CA GLY B . 1.31 2.08 3.35
C GLY B . 0.53 1.91 4.62
O GLY B . 0.72 2.73 5.55
N GLY C . -0.37 0.95 4.68
CA GLY C . -1.20 0.78 5.92
C GLY C . -1.98 -0.51 5.89
O GLY C . -2.51 -0.93 6.95
OXT GLY C . -2.11 -1.17 4.82
C1 RFP D . 10.50 4.05 6.13
C2 RFP D . 10.60 2.89 6.90
C3 RFP D . 11.05 1.72 6.31
C4 RFP D . 11.43 1.69 4.96
C5 RFP D . 11.64 2.94 2.78
C6 RFP D . 11.40 4.08 2.07
C7 RFP D . 10.98 5.25 2.68
C8 RFP D . 10.72 5.22 4.01
C9 RFP D . 10.84 4.04 4.77
C10 RFP D . 11.31 2.86 4.16
C11 RFP D . 12.06 1.91 1.77
C12 RFP D . 11.89 2.52 0.40
C13 RFP D . 13.08 2.34 -0.53
C14 RFP D . 10.85 6.52 1.87
C15 RFP D . 10.78 2.65 9.34
C16 RFP D . 10.09 2.78 10.63
C17 RFP D . 8.82 2.45 10.90
C18 RFP D . 7.85 1.80 9.97
C19 RFP D . 6.58 1.67 10.38
C20 RFP D . 5.36 1.06 9.63
C21 RFP D . 5.57 1.17 8.10
C22 RFP D . 4.43 0.54 7.27
C23 RFP D . 4.63 0.73 5.76
C24 RFP D . 6.03 0.28 5.24
C25 RFP D . 6.12 0.46 3.68
C26 RFP D . 7.49 0.23 3.02
C27 RFP D . 7.43 0.62 1.50
C28 RFP D . 8.78 0.48 0.75
C29 RFP D . 9.46 1.63 0.46
C30 RFP D . 10.89 3.37 11.76
C31 RFP D . 5.25 -0.41 10.05
C32 RFP D . 3.04 1.11 7.69
C33 RFP D . 6.25 -1.20 5.64
C34 RFP D . 8.48 1.13 3.75
C35 RFP D . 4.07 -0.15 2.41
C36 RFP D . 3.25 -1.31 1.87
C37 RFP D . 6.25 2.29 0.28
C38 RFP D . 14.17 -2.39 5.75
C39 RFP D . 14.26 -2.56 8.29
C40 RFP D . 13.46 -1.46 8.98
C41 RFP D . 11.39 -2.34 7.85
C42 RFP D . 12.22 -3.37 7.07
C43 RFP D . 11.11 0.53 7.18
N1 RFP D . 10.15 2.97 8.21
N2 RFP D . 12.24 -0.09 7.25
N3 RFP D . 12.35 -1.26 8.05
N4 RFP D . 13.56 -2.78 7.03
O1 RFP D . 10.00 5.16 6.80
O2 RFP D . 10.31 6.37 4.59
O3 RFP D . 11.72 3.97 0.74
O4 RFP D . 12.31 0.71 1.97
O5 RFP D . 10.77 1.73 -0.23
O6 RFP D . 6.95 1.98 1.47
O7 RFP D . 5.24 -0.55 3.08
O8 RFP D . 3.86 1.06 2.27
O9 RFP D . 4.42 2.14 5.42
O10 RFP D . 5.69 2.54 7.70
O11 RFP D . 11.94 2.32 9.24
O12 RFP D . 11.91 0.54 4.41
#